data_6ZFK
#
_entry.id   6ZFK
#
_cell.length_a   54.466
_cell.length_b   58.213
_cell.length_c   66.981
_cell.angle_alpha   90.000
_cell.angle_beta   90.000
_cell.angle_gamma   90.000
#
_symmetry.space_group_name_H-M   'P 21 21 21'
#
loop_
_entity.id
_entity.type
_entity.pdbx_description
1 polymer 'Cationic trypsin'
2 non-polymer 'DIMETHYL SULFOXIDE'
3 non-polymer 'CALCIUM ION'
4 non-polymer 'SULFATE ION'
5 non-polymer 4-oxo-N-[(1S)-1-(pyridin-3-yl)ethyl]-4-(thiophen-2-yl)butanamide
6 water water
#
_entity_poly.entity_id   1
_entity_poly.type   'polypeptide(L)'
_entity_poly.pdbx_seq_one_letter_code
;IVGGYTCGANTVPYQVSLNSGYHFCGGSLINSQWVVSAAHCYKSGIQVRLGEDNINVVEGNEQFISASKSIVHPSYNSNT
LNNDIMLIKLKSAASLNSRVASISLPTSCASAGTQCLISGWGNTKSSGTSYPDVLKCLKAPILSDSSCKSAYPGQITSNM
FCAGYLEGGKDSCQGDSGGPVVCSGKLQGIVSWGSGCAQKNKPGVYTKVCNYVSWIKQTIASN
;
_entity_poly.pdbx_strand_id   A
#
loop_
_chem_comp.id
_chem_comp.type
_chem_comp.name
_chem_comp.formula
479 non-polymer 4-oxo-N-[(1S)-1-(pyridin-3-yl)ethyl]-4-(thiophen-2-yl)butanamide 'C15 H16 N2 O2 S'
CA non-polymer 'CALCIUM ION' 'Ca 2'
DMS non-polymer 'DIMETHYL SULFOXIDE' 'C2 H6 O S'
SO4 non-polymer 'SULFATE ION' 'O4 S -2'
#
# COMPACT_ATOMS: atom_id res chain seq x y z
N ILE A 1 -10.77 2.35 1.00
CA ILE A 1 -10.65 3.01 2.30
C ILE A 1 -12.05 3.29 2.82
N VAL A 2 -12.34 2.79 4.03
CA VAL A 2 -13.61 3.01 4.71
C VAL A 2 -13.42 4.11 5.75
N GLY A 3 -14.33 5.09 5.75
CA GLY A 3 -14.29 6.12 6.77
C GLY A 3 -13.20 7.15 6.60
N GLY A 4 -12.66 7.30 5.39
CA GLY A 4 -11.63 8.26 5.08
C GLY A 4 -12.19 9.51 4.44
N TYR A 5 -11.31 10.20 3.71
CA TYR A 5 -11.64 11.47 3.08
C TYR A 5 -11.00 11.50 1.69
N THR A 6 -11.51 12.37 0.84
CA THR A 6 -10.94 12.54 -0.49
C THR A 6 -9.59 13.24 -0.36
N CYS A 7 -8.54 12.58 -0.85
CA CYS A 7 -7.18 13.10 -0.67
C CYS A 7 -7.00 14.45 -1.32
N GLY A 8 -7.59 14.65 -2.49
CA GLY A 8 -7.27 15.74 -3.38
C GLY A 8 -6.34 15.28 -4.48
N ALA A 9 -6.51 15.84 -5.66
CA ALA A 9 -5.76 15.35 -6.81
C ALA A 9 -4.26 15.52 -6.62
N ASN A 10 -3.53 14.41 -6.74
CA ASN A 10 -2.08 14.40 -6.74
C ASN A 10 -1.46 14.89 -5.43
N THR A 11 -2.19 14.83 -4.33
CA THR A 11 -1.63 15.20 -3.03
C THR A 11 -0.86 14.06 -2.37
N VAL A 12 -0.89 12.87 -2.96
CA VAL A 12 -0.18 11.69 -2.48
C VAL A 12 0.67 11.21 -3.66
N PRO A 13 1.77 11.89 -3.96
CA PRO A 13 2.37 11.78 -5.31
C PRO A 13 3.13 10.49 -5.54
N TYR A 14 3.36 9.71 -4.49
CA TYR A 14 4.00 8.41 -4.56
C TYR A 14 3.00 7.28 -4.72
N GLN A 15 1.70 7.55 -4.64
CA GLN A 15 0.70 6.50 -4.78
C GLN A 15 0.56 6.12 -6.24
N VAL A 16 0.64 4.81 -6.51
CA VAL A 16 0.41 4.30 -7.85
C VAL A 16 -0.80 3.36 -7.83
N SER A 17 -1.41 3.23 -9.01
CA SER A 17 -2.42 2.22 -9.27
C SER A 17 -1.81 1.16 -10.16
N LEU A 18 -1.98 -0.11 -9.80
CA LEU A 18 -1.58 -1.23 -10.66
C LEU A 18 -2.79 -1.65 -11.47
N ASN A 19 -2.62 -1.67 -12.80
CA ASN A 19 -3.71 -1.88 -13.75
C ASN A 19 -3.39 -3.04 -14.67
N SER A 20 -4.32 -3.98 -14.76
CA SER A 20 -4.23 -5.11 -15.69
C SER A 20 -5.49 -5.18 -16.54
N GLY A 21 -5.90 -4.04 -17.06
CA GLY A 21 -7.20 -3.85 -17.68
C GLY A 21 -8.18 -3.12 -16.80
N TYR A 22 -7.82 -2.95 -15.54
CA TYR A 22 -8.64 -2.42 -14.45
C TYR A 22 -7.68 -2.26 -13.28
N HIS A 23 -8.01 -1.33 -12.38
CA HIS A 23 -7.25 -1.19 -11.16
C HIS A 23 -7.44 -2.43 -10.28
N PHE A 24 -6.35 -2.98 -9.75
CA PHE A 24 -6.49 -4.11 -8.84
C PHE A 24 -5.70 -3.99 -7.55
N CYS A 25 -4.74 -3.08 -7.44
CA CYS A 25 -3.96 -2.92 -6.22
C CYS A 25 -3.29 -1.57 -6.27
N GLY A 26 -2.88 -1.09 -5.10
CA GLY A 26 -2.02 0.06 -5.01
C GLY A 26 -0.55 -0.33 -4.98
N GLY A 27 0.29 0.70 -4.94
CA GLY A 27 1.73 0.55 -4.80
C GLY A 27 2.30 1.91 -4.45
N SER A 28 3.60 1.92 -4.15
CA SER A 28 4.33 3.13 -3.77
C SER A 28 5.57 3.27 -4.64
N LEU A 29 5.75 4.43 -5.25
CA LEU A 29 6.94 4.71 -6.06
C LEU A 29 8.09 5.01 -5.10
N ILE A 30 9.18 4.24 -5.19
CA ILE A 30 10.32 4.46 -4.30
C ILE A 30 11.56 4.98 -5.02
N ASN A 31 11.60 4.96 -6.34
CA ASN A 31 12.54 5.74 -7.13
C ASN A 31 11.96 5.81 -8.52
N SER A 32 12.69 6.40 -9.46
CA SER A 32 12.07 6.65 -10.76
C SER A 32 11.72 5.37 -11.52
N GLN A 33 12.25 4.22 -11.13
N GLN A 33 12.30 4.23 -11.13
CA GLN A 33 11.99 3.01 -11.90
CA GLN A 33 12.17 2.96 -11.85
C GLN A 33 11.49 1.83 -11.07
C GLN A 33 11.40 1.88 -11.09
N TRP A 34 11.16 2.04 -9.79
CA TRP A 34 10.75 0.93 -8.94
C TRP A 34 9.56 1.30 -8.06
N VAL A 35 8.65 0.34 -7.94
CA VAL A 35 7.46 0.41 -7.10
C VAL A 35 7.50 -0.74 -6.11
N VAL A 36 7.05 -0.48 -4.89
N VAL A 36 7.08 -0.43 -4.86
CA VAL A 36 6.88 -1.55 -3.93
CA VAL A 36 6.81 -1.41 -3.81
C VAL A 36 5.40 -1.71 -3.63
C VAL A 36 5.32 -1.69 -3.75
N SER A 37 4.95 -2.97 -3.62
CA SER A 37 3.56 -3.34 -3.44
C SER A 37 3.51 -4.59 -2.57
N ALA A 38 2.33 -5.19 -2.46
CA ALA A 38 2.15 -6.43 -1.71
C ALA A 38 2.38 -7.62 -2.63
N ALA A 39 3.04 -8.65 -2.09
CA ALA A 39 3.20 -9.89 -2.84
C ALA A 39 1.87 -10.50 -3.26
N HIS A 40 0.82 -10.35 -2.45
CA HIS A 40 -0.45 -10.96 -2.83
C HIS A 40 -1.11 -10.23 -4.00
N CYS A 41 -0.54 -9.11 -4.42
CA CYS A 41 -0.95 -8.41 -5.63
C CYS A 41 -0.26 -8.93 -6.89
N TYR A 42 0.64 -9.90 -6.78
CA TYR A 42 1.36 -10.38 -7.94
C TYR A 42 0.42 -10.89 -9.02
N LYS A 43 0.74 -10.53 -10.25
CA LYS A 43 0.18 -11.15 -11.44
C LYS A 43 1.06 -10.71 -12.61
N SER A 44 0.85 -11.35 -13.75
CA SER A 44 1.54 -10.89 -14.96
C SER A 44 0.74 -9.76 -15.62
N GLY A 45 1.40 -9.05 -16.52
CA GLY A 45 0.72 -8.04 -17.32
C GLY A 45 0.38 -6.77 -16.57
N ILE A 46 1.26 -6.29 -15.72
CA ILE A 46 0.99 -5.12 -14.91
C ILE A 46 1.41 -3.85 -15.65
N GLN A 47 0.51 -2.88 -15.70
CA GLN A 47 0.83 -1.52 -16.08
C GLN A 47 0.76 -0.65 -14.82
N VAL A 48 1.82 0.10 -14.56
CA VAL A 48 1.86 1.00 -13.42
C VAL A 48 1.33 2.36 -13.86
N ARG A 49 0.38 2.89 -13.11
CA ARG A 49 -0.25 4.17 -13.42
C ARG A 49 0.09 5.15 -12.32
N LEU A 50 0.90 6.14 -12.68
N LEU A 50 0.91 6.13 -12.67
CA LEU A 50 1.39 7.19 -11.79
CA LEU A 50 1.39 7.19 -11.80
C LEU A 50 0.66 8.50 -12.09
C LEU A 50 0.56 8.44 -12.04
N GLY A 51 0.63 9.38 -11.10
CA GLY A 51 -0.02 10.67 -11.29
C GLY A 51 -1.52 10.62 -11.35
N GLU A 52 -2.13 9.55 -10.81
CA GLU A 52 -3.57 9.37 -10.89
C GLU A 52 -4.31 10.08 -9.78
N ASP A 53 -5.48 10.63 -10.11
CA ASP A 53 -6.52 10.90 -9.12
C ASP A 53 -7.74 10.08 -9.51
N ASN A 54 -8.57 10.54 -10.44
CA ASN A 54 -9.67 9.72 -10.92
C ASN A 54 -9.10 8.65 -11.85
N ILE A 55 -9.21 7.39 -11.44
CA ILE A 55 -8.62 6.30 -12.23
C ILE A 55 -9.44 5.94 -13.45
N ASN A 56 -10.63 6.52 -13.63
CA ASN A 56 -11.47 6.27 -14.79
C ASN A 56 -11.43 7.38 -15.84
N VAL A 57 -10.72 8.48 -15.57
CA VAL A 57 -10.69 9.65 -16.44
C VAL A 57 -9.25 10.09 -16.62
N VAL A 58 -8.85 10.38 -17.85
CA VAL A 58 -7.52 10.95 -18.09
C VAL A 58 -7.61 12.44 -17.78
N GLU A 59 -6.92 12.86 -16.72
CA GLU A 59 -7.02 14.23 -16.22
C GLU A 59 -5.79 15.09 -16.55
N GLY A 60 -4.69 14.49 -16.98
CA GLY A 60 -3.58 15.26 -17.53
C GLY A 60 -2.27 15.13 -16.79
N ASN A 61 -2.20 14.43 -15.66
CA ASN A 61 -0.93 14.28 -14.96
C ASN A 61 -0.45 12.82 -14.89
N GLU A 62 -1.14 11.93 -15.58
CA GLU A 62 -0.80 10.51 -15.53
C GLU A 62 0.47 10.19 -16.31
N GLN A 63 1.15 9.16 -15.85
CA GLN A 63 2.13 8.42 -16.62
C GLN A 63 1.78 6.95 -16.52
N PHE A 64 1.67 6.29 -17.66
CA PHE A 64 1.33 4.87 -17.74
C PHE A 64 2.57 4.15 -18.25
N ILE A 65 3.13 3.26 -17.43
CA ILE A 65 4.39 2.60 -17.76
C ILE A 65 4.26 1.12 -17.42
N SER A 66 4.49 0.26 -18.41
CA SER A 66 4.39 -1.17 -18.15
C SER A 66 5.55 -1.65 -17.29
N ALA A 67 5.29 -2.70 -16.52
CA ALA A 67 6.35 -3.34 -15.74
C ALA A 67 7.21 -4.22 -16.64
N SER A 68 8.53 -4.19 -16.39
CA SER A 68 9.46 -5.09 -17.06
C SER A 68 9.71 -6.36 -16.27
N LYS A 69 9.57 -6.29 -14.94
CA LYS A 69 9.81 -7.43 -14.09
C LYS A 69 9.13 -7.17 -12.75
N SER A 70 8.73 -8.26 -12.11
N SER A 70 8.75 -8.24 -12.08
CA SER A 70 8.25 -8.25 -10.74
CA SER A 70 8.31 -8.16 -10.71
C SER A 70 9.09 -9.23 -9.93
C SER A 70 9.01 -9.24 -9.90
N ILE A 71 9.32 -8.90 -8.65
CA ILE A 71 10.12 -9.73 -7.76
C ILE A 71 9.34 -9.84 -6.46
N VAL A 72 8.72 -11.00 -6.23
CA VAL A 72 8.07 -11.32 -4.97
C VAL A 72 9.12 -11.70 -3.94
N HIS A 73 8.93 -11.29 -2.70
CA HIS A 73 9.90 -11.61 -1.67
C HIS A 73 10.14 -13.12 -1.64
N PRO A 74 11.40 -13.55 -1.50
CA PRO A 74 11.69 -14.98 -1.54
C PRO A 74 10.98 -15.80 -0.49
N SER A 75 10.65 -15.20 0.65
CA SER A 75 10.03 -15.90 1.77
C SER A 75 8.55 -15.60 1.91
N TYR A 76 7.92 -14.98 0.92
CA TYR A 76 6.48 -14.76 0.99
C TYR A 76 5.74 -16.08 1.11
N ASN A 77 4.83 -16.15 2.08
CA ASN A 77 3.95 -17.30 2.28
C ASN A 77 2.53 -16.81 2.11
N SER A 78 1.87 -17.24 1.03
CA SER A 78 0.53 -16.75 0.73
C SER A 78 -0.53 -17.26 1.69
N ASN A 79 -0.26 -18.34 2.42
CA ASN A 79 -1.22 -18.80 3.42
C ASN A 79 -1.19 -17.91 4.66
N THR A 80 0.00 -17.66 5.22
CA THR A 80 0.11 -16.88 6.44
C THR A 80 0.19 -15.38 6.17
N LEU A 81 0.46 -14.99 4.92
CA LEU A 81 0.73 -13.63 4.49
C LEU A 81 2.02 -13.05 5.07
N ASN A 82 2.89 -13.89 5.63
CA ASN A 82 4.18 -13.39 6.09
C ASN A 82 5.02 -12.98 4.90
N ASN A 83 5.70 -11.83 5.04
CA ASN A 83 6.56 -11.26 4.00
C ASN A 83 5.75 -10.84 2.76
N ASP A 84 4.64 -10.14 2.99
CA ASP A 84 3.72 -9.72 1.92
C ASP A 84 4.26 -8.46 1.26
N ILE A 85 5.28 -8.62 0.42
CA ILE A 85 5.97 -7.51 -0.23
C ILE A 85 6.52 -7.98 -1.56
N MET A 86 6.43 -7.11 -2.56
N MET A 86 6.51 -7.07 -2.54
CA MET A 86 7.05 -7.35 -3.85
CA MET A 86 6.92 -7.32 -3.91
C MET A 86 7.55 -6.03 -4.41
C MET A 86 7.44 -6.03 -4.52
N LEU A 87 8.48 -6.15 -5.36
CA LEU A 87 9.03 -5.03 -6.10
C LEU A 87 8.64 -5.17 -7.55
N ILE A 88 8.34 -4.04 -8.18
CA ILE A 88 7.97 -3.98 -9.59
C ILE A 88 8.87 -2.96 -10.26
N LYS A 89 9.57 -3.38 -11.32
CA LYS A 89 10.42 -2.47 -12.09
C LYS A 89 9.65 -1.96 -13.30
N LEU A 90 9.76 -0.67 -13.54
CA LEU A 90 9.15 -0.04 -14.71
C LEU A 90 10.05 -0.20 -15.93
N LYS A 91 9.43 -0.37 -17.11
CA LYS A 91 10.21 -0.51 -18.33
C LYS A 91 11.02 0.73 -18.65
N SER A 92 10.51 1.90 -18.26
CA SER A 92 11.21 3.17 -18.43
C SER A 92 11.04 3.97 -17.14
N ALA A 93 11.97 4.87 -16.89
CA ALA A 93 11.90 5.68 -15.68
C ALA A 93 10.75 6.68 -15.78
N ALA A 94 10.03 6.83 -14.68
CA ALA A 94 9.04 7.89 -14.58
C ALA A 94 9.73 9.25 -14.60
N SER A 95 9.00 10.25 -15.09
N SER A 95 9.02 10.23 -15.13
CA SER A 95 9.46 11.63 -15.04
CA SER A 95 9.44 11.62 -15.03
C SER A 95 8.97 12.25 -13.73
C SER A 95 8.96 12.15 -13.68
N LEU A 96 9.89 12.47 -12.81
CA LEU A 96 9.53 12.92 -11.47
C LEU A 96 9.28 14.40 -11.44
N ASN A 97 8.21 14.79 -10.75
CA ASN A 97 7.74 16.16 -10.66
C ASN A 97 6.96 16.29 -9.34
N SER A 98 6.31 17.43 -9.11
CA SER A 98 5.63 17.62 -7.82
C SER A 98 4.47 16.65 -7.64
N ARG A 99 3.89 16.16 -8.72
CA ARG A 99 2.72 15.30 -8.68
C ARG A 99 3.05 13.83 -8.86
N VAL A 100 4.29 13.51 -9.23
CA VAL A 100 4.76 12.14 -9.36
C VAL A 100 6.13 12.11 -8.70
N ALA A 101 6.20 11.52 -7.52
CA ALA A 101 7.37 11.66 -6.66
C ALA A 101 7.57 10.39 -5.89
N SER A 102 8.83 10.06 -5.64
CA SER A 102 9.12 8.88 -4.83
C SER A 102 8.94 9.19 -3.34
N ILE A 103 8.71 8.11 -2.58
CA ILE A 103 8.64 8.16 -1.12
C ILE A 103 9.88 7.46 -0.56
N SER A 104 10.49 8.08 0.44
CA SER A 104 11.70 7.53 1.03
C SER A 104 11.40 6.27 1.83
N LEU A 105 12.36 5.34 1.80
CA LEU A 105 12.32 4.20 2.68
C LEU A 105 12.69 4.62 4.10
N PRO A 106 12.23 3.90 5.10
CA PRO A 106 12.50 4.30 6.48
C PRO A 106 13.95 4.07 6.86
N THR A 107 14.43 4.94 7.74
CA THR A 107 15.70 4.76 8.43
C THR A 107 15.50 3.98 9.72
N SER A 108 14.33 4.13 10.34
CA SER A 108 14.01 3.42 11.57
C SER A 108 12.57 2.94 11.48
N CYS A 109 12.26 1.92 12.27
CA CYS A 109 10.89 1.43 12.35
C CYS A 109 10.03 2.38 13.18
N ALA A 110 8.84 2.67 12.72
CA ALA A 110 7.95 3.56 13.45
C ALA A 110 7.28 2.86 14.62
N SER A 111 7.08 3.60 15.69
CA SER A 111 6.55 3.08 16.94
C SER A 111 5.03 3.13 16.99
N ALA A 112 4.44 2.23 17.79
CA ALA A 112 3.04 2.34 18.11
C ALA A 112 2.73 3.76 18.60
N GLY A 113 1.60 4.28 18.17
CA GLY A 113 1.18 5.62 18.48
C GLY A 113 1.49 6.63 17.39
N THR A 114 2.44 6.33 16.51
CA THR A 114 2.75 7.22 15.41
C THR A 114 1.56 7.31 14.48
N GLN A 115 1.25 8.53 14.03
CA GLN A 115 0.16 8.77 13.11
C GLN A 115 0.65 8.69 11.68
N CYS A 116 -0.10 8.01 10.84
CA CYS A 116 0.29 7.71 9.47
C CYS A 116 -0.84 8.03 8.51
N LEU A 117 -0.50 8.08 7.22
CA LEU A 117 -1.43 8.31 6.13
C LEU A 117 -1.51 7.05 5.29
N ILE A 118 -2.72 6.51 5.16
CA ILE A 118 -3.02 5.33 4.37
C ILE A 118 -3.92 5.78 3.21
N SER A 119 -3.67 5.26 2.01
CA SER A 119 -4.41 5.77 0.86
C SER A 119 -4.68 4.66 -0.14
N GLY A 120 -5.73 4.86 -0.95
CA GLY A 120 -6.05 3.90 -1.99
C GLY A 120 -7.40 4.14 -2.64
N TRP A 121 -7.65 3.32 -3.64
CA TRP A 121 -8.87 3.33 -4.45
C TRP A 121 -9.79 2.17 -4.11
N GLY A 122 -9.62 1.57 -2.94
CA GLY A 122 -10.43 0.44 -2.56
C GLY A 122 -11.84 0.80 -2.11
N ASN A 123 -12.60 -0.26 -1.81
CA ASN A 123 -13.98 -0.16 -1.38
C ASN A 123 -14.09 0.80 -0.20
N THR A 124 -15.15 1.62 -0.22
CA THR A 124 -15.42 2.57 0.86
C THR A 124 -16.50 2.09 1.81
N LYS A 125 -17.02 0.87 1.64
CA LYS A 125 -18.06 0.32 2.50
C LYS A 125 -17.58 -0.89 3.29
N SER A 126 -17.94 -0.94 4.58
CA SER A 126 -17.66 -2.13 5.39
C SER A 126 -18.67 -3.24 5.13
N SER A 127 -19.89 -2.89 4.75
CA SER A 127 -20.91 -3.85 4.34
C SER A 127 -21.34 -3.47 2.93
N GLY A 128 -21.20 -4.40 2.00
CA GLY A 128 -21.48 -4.09 0.62
C GLY A 128 -20.26 -3.49 -0.05
N THR A 129 -20.49 -2.91 -1.23
N THR A 129 -20.52 -2.89 -1.22
CA THR A 129 -19.39 -2.50 -2.09
CA THR A 129 -19.46 -2.50 -2.15
C THR A 129 -19.70 -1.21 -2.84
C THR A 129 -19.77 -1.14 -2.77
N SER A 130 -18.78 -0.24 -2.72
CA SER A 130 -18.82 0.97 -3.52
C SER A 130 -17.37 1.37 -3.74
N TYR A 131 -16.98 1.55 -5.00
N TYR A 131 -16.95 1.42 -5.00
CA TYR A 131 -15.62 2.01 -5.30
CA TYR A 131 -15.57 1.69 -5.30
C TYR A 131 -15.62 3.50 -5.69
C TYR A 131 -15.42 3.11 -5.83
N PRO A 132 -14.66 4.29 -5.17
N PRO A 132 -14.57 3.92 -5.21
CA PRO A 132 -14.77 5.76 -5.25
CA PRO A 132 -14.43 5.32 -5.63
C PRO A 132 -14.20 6.44 -6.49
C PRO A 132 -13.60 5.42 -6.90
N ASP A 133 -13.30 5.77 -7.21
N ASP A 133 -13.80 6.54 -7.59
CA ASP A 133 -12.64 6.33 -8.41
CA ASP A 133 -12.98 6.85 -8.74
C ASP A 133 -11.57 7.39 -8.12
C ASP A 133 -11.75 7.65 -8.36
N VAL A 134 -11.84 8.40 -7.27
CA VAL A 134 -10.78 9.30 -6.84
C VAL A 134 -10.09 8.72 -5.61
N LEU A 135 -8.85 9.17 -5.38
CA LEU A 135 -8.04 8.59 -4.30
C LEU A 135 -8.60 8.99 -2.95
N LYS A 136 -8.71 8.01 -2.04
CA LYS A 136 -9.15 8.24 -0.68
C LYS A 136 -7.98 8.06 0.29
N CYS A 137 -8.10 8.76 1.42
CA CYS A 137 -7.06 8.89 2.42
C CYS A 137 -7.64 8.62 3.80
N LEU A 138 -6.79 8.13 4.70
CA LEU A 138 -7.16 7.87 6.08
C LEU A 138 -5.95 8.14 6.95
N LYS A 139 -6.12 8.96 7.97
CA LYS A 139 -5.10 9.13 8.99
C LYS A 139 -5.39 8.16 10.12
N ALA A 140 -4.37 7.40 10.53
CA ALA A 140 -4.56 6.35 11.51
C ALA A 140 -3.26 6.11 12.27
N PRO A 141 -3.35 5.73 13.54
CA PRO A 141 -2.15 5.42 14.31
C PRO A 141 -1.77 3.96 14.19
N ILE A 142 -0.46 3.71 14.30
CA ILE A 142 0.05 2.37 14.52
C ILE A 142 -0.38 1.90 15.90
N LEU A 143 -0.84 0.66 15.98
CA LEU A 143 -1.28 0.08 17.23
C LEU A 143 -0.14 -0.74 17.85
N SER A 144 -0.21 -0.90 19.17
CA SER A 144 0.80 -1.69 19.86
C SER A 144 0.82 -3.12 19.34
N ASP A 145 2.00 -3.73 19.38
CA ASP A 145 2.11 -5.15 19.04
C ASP A 145 1.18 -6.00 19.89
N SER A 146 1.06 -5.66 21.18
N SER A 146 1.08 -5.68 21.19
CA SER A 146 0.17 -6.42 22.05
CA SER A 146 0.23 -6.50 22.07
C SER A 146 -1.28 -6.32 21.59
C SER A 146 -1.24 -6.39 21.67
N SER A 147 -1.75 -5.10 21.32
N SER A 147 -1.71 -5.20 21.29
CA SER A 147 -3.12 -4.95 20.83
CA SER A 147 -3.11 -5.09 20.90
C SER A 147 -3.33 -5.73 19.55
C SER A 147 -3.36 -5.72 19.53
N CYS A 148 -2.36 -5.66 18.64
CA CYS A 148 -2.48 -6.32 17.35
C CYS A 148 -2.58 -7.84 17.52
N LYS A 149 -1.69 -8.41 18.34
CA LYS A 149 -1.73 -9.85 18.58
C LYS A 149 -3.00 -10.27 19.30
N SER A 150 -3.50 -9.44 20.20
CA SER A 150 -4.76 -9.77 20.87
C SER A 150 -5.92 -9.74 19.90
N ALA A 151 -5.88 -8.84 18.91
CA ALA A 151 -6.94 -8.77 17.91
C ALA A 151 -6.92 -9.98 16.97
N TYR A 152 -5.75 -10.50 16.66
CA TYR A 152 -5.57 -11.59 15.71
C TYR A 152 -4.68 -12.66 16.32
N PRO A 153 -5.20 -13.42 17.28
CA PRO A 153 -4.39 -14.45 17.94
C PRO A 153 -3.75 -15.40 16.95
N GLY A 154 -2.46 -15.67 17.14
CA GLY A 154 -1.77 -16.66 16.35
C GLY A 154 -1.45 -16.27 14.93
N GLN A 155 -1.62 -14.99 14.56
CA GLN A 155 -1.51 -14.57 13.17
C GLN A 155 -0.50 -13.46 12.91
N ILE A 156 -0.07 -12.72 13.90
CA ILE A 156 0.75 -11.53 13.67
C ILE A 156 2.22 -11.93 13.81
N THR A 157 2.96 -11.82 12.72
CA THR A 157 4.39 -12.10 12.76
C THR A 157 5.18 -10.83 13.00
N SER A 158 6.49 -10.98 13.15
CA SER A 158 7.39 -9.84 13.34
C SER A 158 7.46 -8.96 12.10
N ASN A 159 6.88 -9.39 10.98
CA ASN A 159 6.87 -8.63 9.73
C ASN A 159 5.54 -7.93 9.47
N MET A 160 4.72 -7.78 10.52
CA MET A 160 3.39 -7.20 10.40
C MET A 160 3.16 -6.21 11.53
N PHE A 161 2.36 -5.18 11.26
CA PHE A 161 1.85 -4.34 12.33
C PHE A 161 0.40 -3.97 12.01
N CYS A 162 -0.34 -3.65 13.07
CA CYS A 162 -1.70 -3.17 12.93
C CYS A 162 -1.72 -1.65 12.97
N ALA A 163 -2.65 -1.06 12.24
CA ALA A 163 -2.89 0.38 12.32
C ALA A 163 -4.38 0.61 12.11
N GLY A 164 -4.89 1.64 12.74
CA GLY A 164 -6.31 1.91 12.66
C GLY A 164 -6.93 2.13 14.02
N TYR A 165 -8.14 1.61 14.18
CA TYR A 165 -9.02 1.97 15.30
C TYR A 165 -9.74 0.71 15.74
N LEU A 166 -9.54 0.31 17.00
CA LEU A 166 -10.20 -0.88 17.50
C LEU A 166 -11.72 -0.71 17.54
N GLU A 167 -12.22 0.52 17.62
CA GLU A 167 -13.66 0.73 17.57
C GLU A 167 -14.26 0.46 16.20
N GLY A 168 -13.44 0.30 15.17
CA GLY A 168 -13.96 0.11 13.83
C GLY A 168 -14.31 1.42 13.16
N GLY A 169 -14.91 1.30 11.97
CA GLY A 169 -15.39 2.45 11.23
C GLY A 169 -14.42 3.08 10.26
N LYS A 170 -13.11 2.89 10.46
CA LYS A 170 -12.09 3.55 9.64
C LYS A 170 -10.99 2.52 9.38
N ASP A 171 -10.74 2.20 8.10
CA ASP A 171 -9.81 1.11 7.79
C ASP A 171 -9.50 1.12 6.31
N SER A 172 -8.48 0.36 5.93
CA SER A 172 -8.29 0.01 4.53
C SER A 172 -9.22 -1.14 4.16
N CYS A 173 -9.36 -1.39 2.86
CA CYS A 173 -10.33 -2.39 2.40
C CYS A 173 -9.90 -2.97 1.05
N GLN A 174 -10.77 -3.82 0.48
N GLN A 174 -10.77 -3.80 0.46
CA GLN A 174 -10.49 -4.46 -0.81
CA GLN A 174 -10.46 -4.48 -0.79
C GLN A 174 -10.11 -3.40 -1.83
C GLN A 174 -10.15 -3.46 -1.89
N GLY A 175 -9.04 -3.67 -2.59
CA GLY A 175 -8.60 -2.75 -3.61
C GLY A 175 -7.55 -1.76 -3.14
N ASP A 176 -7.36 -1.63 -1.83
CA ASP A 176 -6.29 -0.83 -1.27
C ASP A 176 -4.99 -1.60 -1.12
N SER A 177 -5.04 -2.92 -1.21
CA SER A 177 -3.86 -3.75 -0.96
C SER A 177 -2.70 -3.31 -1.82
N GLY A 178 -1.51 -3.38 -1.23
CA GLY A 178 -0.30 -2.99 -1.90
C GLY A 178 0.06 -1.53 -1.74
N GLY A 179 -0.89 -0.70 -1.32
CA GLY A 179 -0.67 0.72 -1.19
C GLY A 179 0.06 1.10 0.07
N PRO A 180 0.31 2.40 0.20
CA PRO A 180 1.22 2.92 1.23
C PRO A 180 0.59 3.19 2.58
N VAL A 181 1.43 3.03 3.60
CA VAL A 181 1.24 3.60 4.93
C VAL A 181 2.48 4.46 5.16
N VAL A 182 2.30 5.78 5.20
CA VAL A 182 3.42 6.73 5.29
C VAL A 182 3.34 7.44 6.64
N CYS A 183 4.46 7.49 7.33
CA CYS A 183 4.53 8.12 8.64
C CYS A 183 5.75 9.02 8.63
N SER A 184 5.56 10.29 8.96
CA SER A 184 6.67 11.26 8.98
C SER A 184 7.46 11.24 7.67
N GLY A 185 6.76 11.14 6.56
CA GLY A 185 7.40 11.22 5.26
C GLY A 185 8.20 10.00 4.86
N LYS A 186 7.97 8.84 5.50
CA LYS A 186 8.65 7.61 5.14
C LYS A 186 7.63 6.49 4.97
N LEU A 187 7.93 5.56 4.06
CA LEU A 187 7.07 4.41 3.79
C LEU A 187 7.29 3.37 4.88
N GLN A 188 6.36 3.27 5.83
CA GLN A 188 6.48 2.30 6.92
C GLN A 188 5.65 1.05 6.72
N GLY A 189 4.58 1.10 5.92
CA GLY A 189 3.74 -0.07 5.76
C GLY A 189 3.23 -0.23 4.34
N ILE A 190 2.79 -1.45 4.07
CA ILE A 190 2.09 -1.83 2.85
C ILE A 190 0.76 -2.43 3.26
N VAL A 191 -0.33 -1.95 2.64
CA VAL A 191 -1.65 -2.52 2.92
C VAL A 191 -1.63 -4.00 2.60
N SER A 192 -1.91 -4.85 3.60
CA SER A 192 -1.73 -6.29 3.45
C SER A 192 -3.04 -7.06 3.68
N TRP A 193 -3.59 -7.06 4.90
CA TRP A 193 -4.76 -7.92 5.12
C TRP A 193 -5.56 -7.44 6.34
N GLY A 194 -6.70 -8.09 6.55
CA GLY A 194 -7.50 -7.88 7.75
C GLY A 194 -8.64 -8.88 7.73
N SER A 195 -9.53 -8.76 8.69
N SER A 195 -9.52 -8.78 8.71
CA SER A 195 -10.76 -9.57 8.72
CA SER A 195 -10.75 -9.57 8.70
C SER A 195 -11.90 -8.64 8.35
C SER A 195 -11.88 -8.61 8.32
N GLY A 196 -12.33 -8.70 7.08
CA GLY A 196 -13.26 -7.69 6.63
C GLY A 196 -12.58 -6.32 6.66
N CYS A 197 -13.40 -5.28 6.72
CA CYS A 197 -12.93 -3.90 6.75
C CYS A 197 -13.70 -3.12 7.79
N ALA A 198 -12.98 -2.37 8.62
CA ALA A 198 -13.57 -1.42 9.55
C ALA A 198 -14.44 -2.09 10.61
N GLN A 199 -14.23 -3.38 10.86
CA GLN A 199 -14.98 -4.06 11.90
C GLN A 199 -14.33 -3.82 13.26
N LYS A 200 -15.16 -3.86 14.30
CA LYS A 200 -14.66 -3.68 15.65
C LYS A 200 -13.63 -4.75 15.98
N ASN A 201 -12.54 -4.32 16.60
CA ASN A 201 -11.47 -5.19 17.08
C ASN A 201 -10.75 -5.93 15.96
N LYS A 202 -10.87 -5.46 14.72
CA LYS A 202 -10.23 -6.08 13.56
C LYS A 202 -9.59 -4.99 12.71
N PRO A 203 -8.53 -4.37 13.22
CA PRO A 203 -7.86 -3.32 12.46
C PRO A 203 -7.09 -3.90 11.29
N GLY A 204 -6.77 -3.04 10.34
CA GLY A 204 -5.94 -3.47 9.24
C GLY A 204 -4.55 -3.90 9.69
N VAL A 205 -4.00 -4.85 8.92
CA VAL A 205 -2.66 -5.38 9.12
C VAL A 205 -1.81 -5.01 7.91
N TYR A 206 -0.57 -4.62 8.19
CA TYR A 206 0.32 -3.98 7.23
C TYR A 206 1.68 -4.63 7.27
N THR A 207 2.29 -4.78 6.11
CA THR A 207 3.66 -5.29 6.04
C THR A 207 4.62 -4.26 6.62
N LYS A 208 5.54 -4.72 7.47
N LYS A 208 5.50 -4.72 7.50
CA LYS A 208 6.46 -3.84 8.22
CA LYS A 208 6.45 -3.85 8.18
C LYS A 208 7.68 -3.53 7.36
C LYS A 208 7.63 -3.59 7.26
N VAL A 209 7.59 -2.44 6.58
CA VAL A 209 8.60 -2.13 5.55
C VAL A 209 10.01 -2.00 6.12
N CYS A 210 10.15 -1.50 7.34
CA CYS A 210 11.50 -1.29 7.85
C CYS A 210 12.30 -2.58 7.92
N ASN A 211 11.65 -3.75 7.98
CA ASN A 211 12.36 -5.03 8.01
C ASN A 211 12.93 -5.41 6.65
N TYR A 212 12.57 -4.71 5.59
CA TYR A 212 12.87 -5.11 4.22
C TYR A 212 13.80 -4.13 3.51
N VAL A 213 14.30 -3.11 4.21
CA VAL A 213 15.06 -2.07 3.53
C VAL A 213 16.32 -2.64 2.88
N SER A 214 17.02 -3.54 3.58
N SER A 214 17.02 -3.55 3.57
CA SER A 214 18.22 -4.14 2.99
CA SER A 214 18.23 -4.12 2.98
C SER A 214 17.88 -4.95 1.75
C SER A 214 17.91 -4.99 1.77
N TRP A 215 16.83 -5.77 1.84
CA TRP A 215 16.42 -6.56 0.68
C TRP A 215 16.03 -5.65 -0.48
N ILE A 216 15.27 -4.58 -0.21
CA ILE A 216 14.88 -3.68 -1.28
C ILE A 216 16.10 -3.07 -1.93
N LYS A 217 17.00 -2.50 -1.13
CA LYS A 217 18.16 -1.82 -1.69
C LYS A 217 19.04 -2.77 -2.48
N GLN A 218 19.28 -3.97 -1.95
CA GLN A 218 20.15 -4.90 -2.65
C GLN A 218 19.49 -5.42 -3.92
N THR A 219 18.18 -5.64 -3.89
CA THR A 219 17.49 -6.11 -5.09
C THR A 219 17.54 -5.04 -6.17
N ILE A 220 17.26 -3.78 -5.82
CA ILE A 220 17.32 -2.72 -6.82
C ILE A 220 18.72 -2.60 -7.39
N ALA A 221 19.75 -2.74 -6.54
CA ALA A 221 21.12 -2.53 -6.99
C ALA A 221 21.58 -3.56 -8.00
N SER A 222 20.91 -4.71 -8.09
CA SER A 222 21.33 -5.77 -8.98
C SER A 222 20.29 -6.15 -10.03
N ASN A 223 19.21 -5.37 -10.15
CA ASN A 223 18.17 -5.68 -11.11
C ASN A 223 17.74 -4.48 -11.91
S DMS B . -8.78 6.01 -17.91
O DMS B . -7.30 6.00 -17.74
C1 DMS B . -9.11 6.00 -19.69
C2 DMS B . -9.39 4.36 -17.54
S DMS C . 11.93 -12.98 -8.65
O DMS C . 13.37 -12.79 -8.83
C1 DMS C . 11.20 -13.18 -10.30
C2 DMS C . 11.62 -14.61 -7.92
CA CA D . -6.79 9.48 -14.32
S SO4 E . -7.47 -7.43 -1.80
O1 SO4 E . -7.48 -5.99 -1.52
O2 SO4 E . -7.80 -8.17 -0.57
O3 SO4 E . -6.15 -7.79 -2.30
O4 SO4 E . -8.47 -7.79 -2.80
S SO4 F . 12.71 7.93 9.76
O1 SO4 F . 11.40 8.59 9.79
O2 SO4 F . 13.22 7.83 11.12
O3 SO4 F . 13.65 8.74 8.99
O4 SO4 F . 12.62 6.58 9.18
S SO4 G . -17.02 -6.93 -5.28
O1 SO4 G . -16.77 -8.31 -5.69
O2 SO4 G . -17.58 -6.94 -3.93
O3 SO4 G . -17.97 -6.29 -6.18
O4 SO4 G . -15.75 -6.20 -5.27
C4 479 H . 0.78 15.27 7.94
C5 479 H . 0.42 13.82 7.72
C6 479 H . -0.28 13.13 8.81
N1 479 H . -4.00 14.30 3.19
C7 479 H . -0.70 13.60 10.05
C8 479 H . -1.36 12.58 10.79
C9 479 H . -1.42 11.40 10.14
C10 479 H . -2.54 16.18 3.59
C11 479 H . -1.84 15.87 2.43
C12 479 H . -2.22 14.78 1.66
C13 479 H . -3.30 14.02 2.08
C14 479 H . -3.62 15.37 3.91
O1 479 H . 0.67 13.25 6.67
S 479 H . -0.71 11.48 8.61
C3 479 H . 0.74 16.11 6.66
C2 479 H . -0.66 16.22 6.12
O 479 H . -1.59 15.57 6.58
N 479 H . -0.83 17.08 5.10
C1 479 H . -2.15 17.32 4.51
C 479 H . -2.16 18.67 3.78
C4 479 I . -6.44 -10.56 0.70
C5 479 I . -5.51 -11.60 0.16
C6 479 I . -5.73 -12.04 -1.22
N1 479 I . -8.33 -5.12 5.49
C7 479 I . -6.65 -11.57 -2.15
C8 479 I . -6.50 -12.24 -3.41
C9 479 I . -5.50 -13.15 -3.41
C10 479 I . -8.27 -6.34 3.40
C11 479 I . -7.26 -5.50 2.96
C12 479 I . -6.79 -4.48 3.77
C13 479 I . -7.34 -4.33 5.02
C14 479 I . -8.76 -6.09 4.68
O1 479 I . -4.59 -12.07 0.82
S 479 I . -4.71 -13.24 -1.91
C3 479 I . -6.02 -10.01 2.06
C2 479 I . -7.13 -9.26 2.75
O 479 I . -7.44 -9.50 3.92
N 479 I . -7.75 -8.32 2.03
C1 479 I . -8.81 -7.46 2.55
C 479 I . -9.84 -8.32 3.29
#